data_4RKS
#
_entry.id   4RKS
#
_cell.length_a   147.990
_cell.length_b   61.190
_cell.length_c   103.950
_cell.angle_alpha   90.000
_cell.angle_beta   123.220
_cell.angle_gamma   90.000
#
_symmetry.space_group_name_H-M   'C 1 2 1'
#
loop_
_entity.id
_entity.type
_entity.pdbx_description
1 polymer 'Putative uncharacterized protein Ta1305'
2 non-polymer (R)-MEVALONATE
3 non-polymer 'SULFATE ION'
4 non-polymer 'ACETATE ION'
5 non-polymer GLYCEROL
6 water water
#
_entity_poly.entity_id   1
_entity_poly.type   'polypeptide(L)'
_entity_poly.pdbx_seq_one_letter_code
;MGSSHHHHHHSSGLVPRGSMTYRSIGSTAYPTIGVVLLGGIANPVTRTPLHTSAGIAYSDSCGSIRSETRIYADEATHIY
FNGTESTDDNRSVRRVLDRYSSVFEEAFGTKTVSYSSQNFGILSGSSDAGAASIGAAILGLKPDLDPHDVENDLRAVSES
AGRSLFGGLTITWSDGFHAYTEKILDPEAFSGYSIVAFAFDYQRNPSDVIHQNIVRSDLYPARKKHADEHAHMIKEYAKT
NDIKGIFDLAQEDTEEYHSILRGVGVNVIRENMQKLISYLKLIRKDYWNAYIVTGGSNVYVAVESENADRLFSIENTFGS
KKKMLRIVGGAWHRRPE
;
_entity_poly.pdbx_strand_id   A,B
#
# COMPACT_ATOMS: atom_id res chain seq x y z
N THR A 21 -6.60 21.77 20.13
CA THR A 21 -5.33 21.17 19.74
C THR A 21 -5.50 19.75 19.19
N TYR A 22 -4.45 19.24 18.54
CA TYR A 22 -4.44 17.88 18.02
C TYR A 22 -3.52 16.99 18.86
N ARG A 23 -3.49 15.70 18.55
CA ARG A 23 -2.64 14.76 19.30
C ARG A 23 -1.50 14.19 18.47
N SER A 24 -1.68 14.09 17.15
CA SER A 24 -0.69 13.47 16.29
C SER A 24 -0.83 13.85 14.82
N ILE A 25 0.22 13.63 14.06
CA ILE A 25 0.13 13.78 12.60
C ILE A 25 0.99 12.71 11.94
N GLY A 26 0.50 12.19 10.82
CA GLY A 26 1.24 11.21 10.07
C GLY A 26 1.74 11.74 8.74
N SER A 27 2.78 11.13 8.21
CA SER A 27 3.32 11.55 6.92
C SER A 27 3.97 10.36 6.21
N THR A 28 4.34 10.55 4.95
CA THR A 28 4.91 9.48 4.10
C THR A 28 5.95 10.08 3.15
N ALA A 29 7.12 9.46 2.99
CA ALA A 29 8.03 9.85 1.91
C ALA A 29 8.61 8.61 1.23
N TYR A 30 9.29 8.82 0.10
CA TYR A 30 9.82 7.74 -0.73
C TYR A 30 11.34 7.77 -0.77
N PRO A 31 11.97 6.58 -0.84
CA PRO A 31 13.44 6.49 -0.89
C PRO A 31 14.01 7.06 -2.18
N THR A 32 15.33 7.20 -2.21
CA THR A 32 15.95 7.91 -3.31
C THR A 32 17.13 7.15 -3.90
N ILE A 33 17.48 7.52 -5.14
CA ILE A 33 18.65 7.02 -5.86
C ILE A 33 19.45 8.22 -6.35
N GLY A 34 20.75 8.24 -6.06
CA GLY A 34 21.62 9.28 -6.59
C GLY A 34 21.78 9.22 -8.11
N VAL A 35 21.83 10.39 -8.75
CA VAL A 35 22.06 10.50 -10.19
C VAL A 35 23.41 11.18 -10.47
N VAL A 36 23.69 12.24 -9.72
CA VAL A 36 25.07 12.73 -9.58
C VAL A 36 25.41 12.43 -8.13
N LEU A 37 26.40 11.57 -7.92
CA LEU A 37 26.54 10.85 -6.67
C LEU A 37 27.30 11.65 -5.64
N LEU A 38 26.76 11.71 -4.42
CA LEU A 38 27.40 12.48 -3.35
C LEU A 38 28.48 11.70 -2.60
N GLY A 39 29.65 12.34 -2.45
CA GLY A 39 30.67 11.84 -1.56
C GLY A 39 31.30 12.98 -0.82
N GLY A 40 31.14 12.99 0.50
CA GLY A 40 31.76 14.01 1.33
C GLY A 40 30.73 14.88 2.04
N ILE A 41 30.92 15.01 3.35
CA ILE A 41 30.03 15.79 4.20
C ILE A 41 30.87 16.83 4.98
N ALA A 42 30.41 18.08 5.03
CA ALA A 42 31.21 19.18 5.59
C ALA A 42 31.45 19.03 7.09
N ASN A 43 30.49 18.41 7.77
CA ASN A 43 30.51 18.32 9.21
C ASN A 43 29.59 17.19 9.70
N PRO A 44 30.03 16.41 10.70
CA PRO A 44 29.27 15.24 11.19
C PRO A 44 27.91 15.55 11.84
N VAL A 45 27.71 16.79 12.26
CA VAL A 45 26.45 17.16 12.90
C VAL A 45 25.42 17.68 11.90
N THR A 46 25.77 18.78 11.21
CA THR A 46 24.87 19.42 10.25
C THR A 46 24.76 18.63 8.95
N ARG A 47 25.83 17.89 8.63
CA ARG A 47 25.90 16.99 7.50
C ARG A 47 25.66 17.65 6.14
N THR A 48 26.08 18.90 6.01
CA THR A 48 26.03 19.59 4.71
C THR A 48 26.89 18.88 3.64
N PRO A 49 26.32 18.59 2.47
CA PRO A 49 27.07 17.98 1.36
C PRO A 49 28.28 18.83 0.93
N LEU A 50 29.44 18.22 0.75
CA LEU A 50 30.63 18.98 0.37
C LEU A 50 30.54 19.51 -1.05
N HIS A 51 29.71 18.90 -1.89
CA HIS A 51 29.62 19.31 -3.27
C HIS A 51 28.24 19.07 -3.86
N THR A 52 28.03 19.54 -5.08
CA THR A 52 26.72 19.44 -5.75
C THR A 52 26.38 17.98 -6.14
N SER A 53 25.13 17.58 -5.93
CA SER A 53 24.69 16.24 -6.31
C SER A 53 23.30 16.31 -6.93
N ALA A 54 22.82 15.18 -7.45
CA ALA A 54 21.47 15.09 -8.01
C ALA A 54 20.85 13.73 -7.71
N GLY A 55 19.52 13.66 -7.72
CA GLY A 55 18.89 12.39 -7.42
C GLY A 55 17.44 12.29 -7.85
N ILE A 56 16.90 11.08 -7.72
CA ILE A 56 15.47 10.81 -7.99
C ILE A 56 14.85 10.13 -6.78
N ALA A 57 13.56 10.39 -6.54
CA ALA A 57 12.79 9.57 -5.60
C ALA A 57 12.14 8.42 -6.38
N TYR A 58 12.09 7.23 -5.76
CA TYR A 58 11.46 6.08 -6.43
C TYR A 58 10.50 5.35 -5.50
N SER A 59 9.65 4.51 -6.09
CA SER A 59 8.91 3.50 -5.32
C SER A 59 8.71 2.34 -6.29
N ASP A 60 7.75 1.46 -6.00
CA ASP A 60 7.27 0.52 -7.03
C ASP A 60 6.01 1.13 -7.65
N SER A 61 5.33 0.39 -8.54
CA SER A 61 4.20 0.94 -9.27
C SER A 61 3.00 1.21 -8.38
N CYS A 62 2.93 0.49 -7.26
CA CYS A 62 1.83 0.62 -6.32
CA CYS A 62 1.82 0.66 -6.34
C CYS A 62 2.10 1.70 -5.25
N GLY A 63 3.33 2.16 -5.18
CA GLY A 63 3.70 3.15 -4.17
C GLY A 63 3.94 2.52 -2.80
N SER A 64 4.14 1.21 -2.77
CA SER A 64 4.28 0.47 -1.53
C SER A 64 5.67 0.56 -0.89
N ILE A 65 6.70 0.87 -1.67
CA ILE A 65 8.03 1.12 -1.10
C ILE A 65 8.05 2.55 -0.57
N ARG A 66 8.18 2.69 0.75
CA ARG A 66 7.93 3.97 1.40
C ARG A 66 8.36 3.98 2.86
N SER A 67 8.45 5.18 3.43
CA SER A 67 8.58 5.35 4.88
C SER A 67 7.37 6.11 5.46
N GLU A 68 6.73 5.52 6.47
CA GLU A 68 5.59 6.17 7.15
C GLU A 68 5.95 6.63 8.58
N THR A 69 5.55 7.85 8.88
CA THR A 69 5.96 8.54 10.10
C THR A 69 4.77 8.98 10.90
N ARG A 70 4.89 8.91 12.23
CA ARG A 70 3.89 9.45 13.14
C ARG A 70 4.60 10.29 14.21
N ILE A 71 4.25 11.57 14.28
CA ILE A 71 4.77 12.45 15.33
C ILE A 71 3.61 12.84 16.22
N TYR A 72 3.76 12.63 17.52
CA TYR A 72 2.62 12.78 18.42
C TYR A 72 3.02 13.36 19.77
N ALA A 73 2.11 14.10 20.39
CA ALA A 73 2.32 14.60 21.75
C ALA A 73 2.58 13.43 22.69
N ASP A 74 3.45 13.64 23.67
CA ASP A 74 3.87 12.56 24.56
C ASP A 74 4.39 13.12 25.90
N GLU A 75 4.50 12.27 26.93
CA GLU A 75 4.99 12.74 28.22
C GLU A 75 6.51 12.84 28.26
N ALA A 76 7.15 12.05 27.41
CA ALA A 76 8.59 12.01 27.28
C ALA A 76 8.93 11.71 25.83
N THR A 77 10.13 12.06 25.40
CA THR A 77 10.48 11.89 23.99
C THR A 77 10.98 10.48 23.69
N HIS A 78 10.25 9.79 22.82
CA HIS A 78 10.62 8.46 22.34
C HIS A 78 10.84 8.47 20.82
N ILE A 79 11.85 7.71 20.39
CA ILE A 79 12.12 7.51 18.97
C ILE A 79 12.01 6.02 18.71
N TYR A 80 11.18 5.64 17.73
CA TYR A 80 11.00 4.23 17.37
C TYR A 80 11.26 4.00 15.89
N PHE A 81 12.03 2.95 15.58
CA PHE A 81 12.27 2.51 14.21
C PHE A 81 11.73 1.10 14.01
N ASN A 82 10.65 0.99 13.23
CA ASN A 82 9.89 -0.25 13.09
C ASN A 82 9.58 -0.95 14.41
N GLY A 83 9.22 -0.16 15.41
CA GLY A 83 8.83 -0.72 16.69
C GLY A 83 9.99 -0.90 17.65
N THR A 84 11.22 -0.64 17.20
CA THR A 84 12.38 -0.78 18.08
C THR A 84 12.83 0.58 18.57
N GLU A 85 12.86 0.76 19.90
CA GLU A 85 13.20 2.06 20.44
C GLU A 85 14.67 2.37 20.19
N SER A 86 14.96 3.64 19.96
CA SER A 86 16.31 4.10 19.71
C SER A 86 16.67 5.07 20.80
N THR A 87 17.86 4.95 21.36
CA THR A 87 18.28 5.92 22.38
C THR A 87 18.65 7.25 21.75
N ASP A 88 18.62 7.32 20.41
CA ASP A 88 18.91 8.54 19.62
C ASP A 88 19.97 9.39 20.30
N ASP A 89 21.07 8.75 20.68
CA ASP A 89 21.99 9.35 21.65
C ASP A 89 22.82 10.49 21.06
N ASN A 90 22.80 10.61 19.74
CA ASN A 90 23.41 11.74 19.05
C ASN A 90 22.45 12.94 19.01
N ARG A 91 21.21 12.69 19.42
CA ARG A 91 20.10 13.65 19.30
C ARG A 91 19.91 14.04 17.84
N SER A 92 20.13 13.07 16.95
CA SER A 92 19.96 13.26 15.51
C SER A 92 18.51 13.69 15.18
N VAL A 93 17.54 12.86 15.54
CA VAL A 93 16.14 13.19 15.31
C VAL A 93 15.65 14.22 16.34
N ARG A 94 16.09 14.07 17.59
CA ARG A 94 15.64 14.96 18.65
C ARG A 94 16.08 16.42 18.43
N ARG A 95 17.20 16.63 17.74
CA ARG A 95 17.62 17.98 17.33
C ARG A 95 16.57 18.69 16.50
N VAL A 96 16.05 17.98 15.49
CA VAL A 96 15.02 18.51 14.60
C VAL A 96 13.74 18.80 15.37
N LEU A 97 13.33 17.84 16.20
CA LEU A 97 12.12 18.03 16.95
C LEU A 97 12.23 19.26 17.87
N ASP A 98 13.38 19.46 18.51
CA ASP A 98 13.56 20.61 19.41
C ASP A 98 13.52 21.93 18.65
N ARG A 99 14.16 21.98 17.48
CA ARG A 99 14.19 23.19 16.66
C ARG A 99 12.78 23.71 16.31
N TYR A 100 11.82 22.80 16.12
CA TYR A 100 10.47 23.21 15.74
C TYR A 100 9.49 23.04 16.90
N SER A 101 9.98 23.26 18.12
CA SER A 101 9.16 23.11 19.31
C SER A 101 7.95 24.04 19.30
N SER A 102 8.10 25.24 18.75
CA SER A 102 6.98 26.18 18.69
C SER A 102 5.86 25.65 17.80
N VAL A 103 6.23 24.95 16.74
CA VAL A 103 5.24 24.35 15.85
C VAL A 103 4.41 23.32 16.61
N PHE A 104 5.09 22.47 17.39
CA PHE A 104 4.39 21.42 18.12
C PHE A 104 3.57 21.96 19.28
N GLU A 105 4.07 23.02 19.92
CA GLU A 105 3.34 23.61 21.05
C GLU A 105 2.02 24.21 20.58
N GLU A 106 2.06 24.88 19.44
CA GLU A 106 0.86 25.45 18.84
C GLU A 106 -0.12 24.37 18.41
N ALA A 107 0.40 23.32 17.79
CA ALA A 107 -0.43 22.29 17.22
C ALA A 107 -0.94 21.30 18.26
N PHE A 108 -0.08 20.94 19.23
CA PHE A 108 -0.42 19.86 20.16
C PHE A 108 -0.60 20.32 21.61
N GLY A 109 -0.15 21.53 21.93
CA GLY A 109 -0.30 22.01 23.30
C GLY A 109 0.90 21.66 24.16
N THR A 110 1.91 21.07 23.53
CA THR A 110 3.15 20.71 24.22
C THR A 110 4.34 20.70 23.27
N LYS A 111 5.51 21.03 23.79
CA LYS A 111 6.76 20.89 23.05
C LYS A 111 7.28 19.45 23.05
N THR A 112 6.73 18.60 23.91
CA THR A 112 7.27 17.25 24.02
C THR A 112 6.59 16.30 23.01
N VAL A 113 7.33 15.85 22.00
CA VAL A 113 6.74 14.95 21.00
C VAL A 113 7.60 13.72 20.77
N SER A 114 6.97 12.64 20.31
CA SER A 114 7.68 11.41 19.99
C SER A 114 7.59 11.11 18.49
N TYR A 115 8.51 10.29 18.01
CA TYR A 115 8.63 9.98 16.58
C TYR A 115 8.59 8.46 16.38
N SER A 116 7.70 8.00 15.52
CA SER A 116 7.56 6.59 15.21
C SER A 116 7.64 6.40 13.70
N SER A 117 8.57 5.55 13.29
CA SER A 117 8.85 5.27 11.89
C SER A 117 8.49 3.81 11.54
N GLN A 118 7.81 3.62 10.41
CA GLN A 118 7.62 2.29 9.82
C GLN A 118 8.06 2.32 8.35
N ASN A 119 9.13 1.60 8.04
CA ASN A 119 9.64 1.46 6.68
C ASN A 119 9.14 0.20 5.97
N PHE A 120 8.80 0.32 4.69
CA PHE A 120 8.30 -0.81 3.91
C PHE A 120 9.10 -0.95 2.63
N GLY A 121 9.72 -2.11 2.42
CA GLY A 121 10.44 -2.35 1.18
C GLY A 121 11.77 -1.62 1.18
N ILE A 122 12.13 -1.10 2.35
CA ILE A 122 13.47 -0.62 2.65
C ILE A 122 13.81 -1.00 4.09
N LEU A 123 15.10 -1.01 4.45
CA LEU A 123 15.55 -1.46 5.78
C LEU A 123 15.05 -0.55 6.91
N SER A 124 14.64 -1.16 8.01
CA SER A 124 14.23 -0.44 9.22
C SER A 124 15.30 0.58 9.66
N GLY A 125 14.85 1.75 10.09
CA GLY A 125 15.78 2.77 10.58
C GLY A 125 15.70 4.12 9.87
N SER A 126 16.71 4.96 10.12
CA SER A 126 16.80 6.27 9.46
C SER A 126 17.14 6.16 7.98
N SER A 127 16.61 7.09 7.18
CA SER A 127 16.89 7.15 5.75
C SER A 127 16.55 8.53 5.21
N ASP A 128 16.82 8.77 3.92
CA ASP A 128 16.38 9.99 3.26
C ASP A 128 14.86 10.17 3.37
N ALA A 129 14.11 9.12 3.08
CA ALA A 129 12.65 9.12 3.18
C ALA A 129 12.18 9.41 4.61
N GLY A 130 12.89 8.86 5.59
CA GLY A 130 12.55 9.09 6.98
C GLY A 130 12.70 10.57 7.31
N ALA A 131 13.84 11.13 6.90
CA ALA A 131 14.13 12.53 7.13
C ALA A 131 13.09 13.43 6.46
N ALA A 132 12.87 13.23 5.16
CA ALA A 132 11.88 14.01 4.43
C ALA A 132 10.47 13.89 5.04
N SER A 133 10.13 12.71 5.56
CA SER A 133 8.79 12.50 6.11
C SER A 133 8.62 13.32 7.37
N ILE A 134 9.70 13.46 8.14
CA ILE A 134 9.69 14.37 9.26
C ILE A 134 9.39 15.78 8.79
N GLY A 135 10.10 16.22 7.75
CA GLY A 135 9.83 17.55 7.19
C GLY A 135 8.38 17.76 6.75
N ALA A 136 7.82 16.76 6.08
CA ALA A 136 6.45 16.84 5.60
C ALA A 136 5.48 16.91 6.76
N ALA A 137 5.77 16.23 7.85
CA ALA A 137 4.90 16.29 9.03
C ALA A 137 4.90 17.70 9.66
N ILE A 138 6.07 18.30 9.77
CA ILE A 138 6.23 19.66 10.31
C ILE A 138 5.56 20.70 9.42
N LEU A 139 5.81 20.59 8.12
CA LEU A 139 5.13 21.45 7.15
C LEU A 139 3.63 21.24 7.17
N GLY A 140 3.20 20.01 7.47
CA GLY A 140 1.78 19.70 7.58
C GLY A 140 1.14 20.50 8.69
N LEU A 141 1.89 20.71 9.77
CA LEU A 141 1.39 21.47 10.91
C LEU A 141 1.50 22.97 10.69
N LYS A 142 2.55 23.41 9.99
CA LYS A 142 2.74 24.84 9.75
C LYS A 142 3.10 25.07 8.28
N PRO A 143 2.07 25.14 7.42
CA PRO A 143 2.31 25.06 5.97
C PRO A 143 3.02 26.27 5.36
N ASP A 144 3.14 27.39 6.07
CA ASP A 144 3.82 28.52 5.48
C ASP A 144 5.31 28.54 5.81
N LEU A 145 5.82 27.49 6.44
CA LEU A 145 7.28 27.39 6.58
C LEU A 145 7.91 27.23 5.19
N ASP A 146 9.16 27.69 5.06
CA ASP A 146 9.95 27.47 3.85
C ASP A 146 10.52 26.05 3.87
N PRO A 147 10.09 25.19 2.93
CA PRO A 147 10.62 23.82 2.92
C PRO A 147 12.13 23.77 2.65
N HIS A 148 12.67 24.74 1.93
CA HIS A 148 14.11 24.80 1.73
C HIS A 148 14.86 25.10 3.03
N ASP A 149 14.22 25.87 3.93
CA ASP A 149 14.75 26.09 5.29
C ASP A 149 14.63 24.83 6.14
N VAL A 150 13.46 24.20 6.12
CA VAL A 150 13.25 22.97 6.90
C VAL A 150 14.28 21.90 6.46
N GLU A 151 14.51 21.83 5.16
CA GLU A 151 15.49 20.90 4.59
C GLU A 151 16.87 21.01 5.24
N ASN A 152 17.32 22.23 5.50
CA ASN A 152 18.63 22.44 6.15
C ASN A 152 18.72 21.69 7.47
N ASP A 153 17.65 21.73 8.25
CA ASP A 153 17.56 21.01 9.52
C ASP A 153 17.45 19.49 9.34
N LEU A 154 16.82 19.05 8.25
CA LEU A 154 16.62 17.62 8.04
C LEU A 154 17.90 16.86 7.69
N ARG A 155 18.93 17.57 7.24
CA ARG A 155 20.13 16.88 6.76
C ARG A 155 20.89 16.20 7.89
N ALA A 156 20.66 16.66 9.12
CA ALA A 156 21.28 16.05 10.29
C ALA A 156 20.76 14.63 10.45
N VAL A 157 19.56 14.39 9.97
CA VAL A 157 18.98 13.07 9.98
C VAL A 157 19.50 12.27 8.78
N SER A 158 19.52 12.89 7.60
CA SER A 158 20.07 12.25 6.42
C SER A 158 20.45 13.31 5.39
N GLU A 159 21.69 13.25 4.89
CA GLU A 159 22.25 14.35 4.11
C GLU A 159 21.54 14.57 2.77
N SER A 160 20.82 13.57 2.27
CA SER A 160 20.08 13.70 1.00
C SER A 160 18.55 13.76 1.21
N ALA A 161 18.13 14.36 2.32
CA ALA A 161 16.72 14.48 2.66
C ALA A 161 15.94 15.24 1.56
N GLY A 162 16.61 16.20 0.93
CA GLY A 162 15.96 17.05 -0.05
C GLY A 162 15.45 16.31 -1.29
N ARG A 163 16.11 15.22 -1.65
CA ARG A 163 15.70 14.41 -2.79
C ARG A 163 14.29 13.90 -2.54
N SER A 164 14.07 13.43 -1.34
CA SER A 164 12.80 12.82 -1.00
C SER A 164 11.76 13.88 -0.62
N LEU A 165 12.20 15.03 -0.11
CA LEU A 165 11.26 16.09 0.27
C LEU A 165 10.54 16.63 -0.97
N PHE A 166 11.27 16.90 -2.04
CA PHE A 166 10.69 17.57 -3.19
C PHE A 166 10.22 16.61 -4.29
N GLY A 167 10.87 15.46 -4.38
CA GLY A 167 10.40 14.43 -5.28
C GLY A 167 10.94 14.57 -6.69
N GLY A 168 10.55 13.63 -7.56
CA GLY A 168 11.02 13.66 -8.93
C GLY A 168 12.54 13.69 -9.07
N LEU A 169 13.02 14.38 -10.09
CA LEU A 169 14.45 14.58 -10.27
C LEU A 169 14.82 15.92 -9.66
N THR A 170 15.83 15.90 -8.79
CA THR A 170 16.28 17.12 -8.14
C THR A 170 17.79 17.28 -8.31
N ILE A 171 18.23 18.52 -8.15
CA ILE A 171 19.64 18.83 -7.99
C ILE A 171 19.80 19.53 -6.65
N THR A 172 20.80 19.14 -5.88
CA THR A 172 21.09 19.84 -4.65
C THR A 172 22.44 20.51 -4.81
N TRP A 173 22.40 21.82 -5.11
CA TRP A 173 23.60 22.65 -5.25
C TRP A 173 24.25 22.83 -3.89
N SER A 174 25.58 22.82 -3.84
CA SER A 174 26.27 22.96 -2.56
C SER A 174 27.73 23.36 -2.74
N ASP A 175 28.18 24.29 -1.90
CA ASP A 175 29.58 24.70 -1.88
C ASP A 175 30.24 24.24 -0.59
N GLY A 176 29.56 23.38 0.16
CA GLY A 176 30.08 22.89 1.42
C GLY A 176 29.64 23.71 2.62
N PHE A 177 29.03 24.86 2.39
CA PHE A 177 28.57 25.74 3.46
C PHE A 177 27.07 25.95 3.39
N HIS A 178 26.59 26.19 2.18
CA HIS A 178 25.17 26.38 1.91
C HIS A 178 24.73 25.42 0.82
N ALA A 179 23.60 24.76 1.04
CA ALA A 179 23.06 23.80 0.06
C ALA A 179 21.60 24.13 -0.24
N TYR A 180 21.22 23.90 -1.49
CA TYR A 180 19.87 24.23 -1.92
C TYR A 180 19.34 23.23 -2.97
N THR A 181 18.19 22.63 -2.69
CA THR A 181 17.62 21.59 -3.57
C THR A 181 16.56 22.18 -4.49
N GLU A 182 16.69 21.91 -5.77
CA GLU A 182 15.80 22.43 -6.80
C GLU A 182 15.13 21.28 -7.56
N LYS A 183 13.82 21.39 -7.79
CA LYS A 183 13.10 20.42 -8.61
C LYS A 183 13.36 20.67 -10.09
N ILE A 184 13.80 19.64 -10.79
CA ILE A 184 14.24 19.79 -12.18
C ILE A 184 13.26 19.18 -13.18
N LEU A 185 12.72 18.01 -12.83
CA LEU A 185 11.66 17.36 -13.61
C LEU A 185 10.67 16.65 -12.67
N ASP A 186 9.40 16.67 -13.05
CA ASP A 186 8.34 15.96 -12.34
C ASP A 186 8.46 14.45 -12.57
N PRO A 187 7.90 13.63 -11.67
CA PRO A 187 7.80 12.19 -11.90
C PRO A 187 7.11 11.85 -13.24
N GLU A 188 6.18 12.69 -13.68
CA GLU A 188 5.48 12.49 -14.96
C GLU A 188 6.42 12.50 -16.17
N ALA A 189 7.55 13.21 -16.08
CA ALA A 189 8.50 13.25 -17.18
C ALA A 189 9.15 11.88 -17.42
N PHE A 190 9.06 10.99 -16.44
CA PHE A 190 9.65 9.64 -16.55
C PHE A 190 8.62 8.54 -16.76
N SER A 191 7.41 8.89 -17.17
CA SER A 191 6.33 7.90 -17.25
C SER A 191 6.62 6.82 -18.30
N GLY A 192 7.48 7.13 -19.27
CA GLY A 192 7.85 6.16 -20.29
C GLY A 192 9.05 5.33 -19.87
N TYR A 193 9.48 5.47 -18.61
CA TYR A 193 10.70 4.80 -18.17
C TYR A 193 10.47 4.03 -16.90
N SER A 194 11.24 2.97 -16.72
CA SER A 194 11.22 2.22 -15.47
C SER A 194 12.64 1.96 -15.03
N ILE A 195 12.80 1.56 -13.78
CA ILE A 195 14.09 1.14 -13.30
C ILE A 195 13.98 -0.27 -12.75
N VAL A 196 14.77 -1.19 -13.30
CA VAL A 196 14.84 -2.52 -12.70
C VAL A 196 16.01 -2.58 -11.72
N ALA A 197 15.71 -2.80 -10.45
CA ALA A 197 16.76 -2.87 -9.43
C ALA A 197 17.20 -4.32 -9.20
N PHE A 198 18.51 -4.54 -9.31
CA PHE A 198 19.08 -5.84 -9.02
C PHE A 198 19.81 -5.78 -7.69
N ALA A 199 19.23 -6.45 -6.69
CA ALA A 199 19.78 -6.43 -5.33
C ALA A 199 20.67 -7.64 -5.03
N PHE A 200 21.95 -7.40 -4.74
CA PHE A 200 22.90 -8.48 -4.45
C PHE A 200 23.12 -8.60 -2.95
N ASP A 201 23.57 -9.75 -2.47
CA ASP A 201 23.60 -9.97 -1.02
C ASP A 201 24.93 -9.61 -0.33
N TYR A 202 25.89 -9.10 -1.09
CA TYR A 202 27.15 -8.63 -0.50
C TYR A 202 26.91 -7.61 0.61
N GLN A 203 27.64 -7.75 1.71
CA GLN A 203 27.57 -6.80 2.82
C GLN A 203 28.07 -5.45 2.32
N ARG A 204 27.32 -4.39 2.61
CA ARG A 204 27.63 -3.08 2.04
C ARG A 204 28.58 -2.26 2.93
N ASN A 205 29.35 -1.39 2.28
CA ASN A 205 30.10 -0.37 2.99
C ASN A 205 29.13 0.68 3.50
N PRO A 206 29.16 0.96 4.82
CA PRO A 206 28.32 2.02 5.38
C PRO A 206 28.54 3.34 4.64
N SER A 207 27.52 4.19 4.58
CA SER A 207 27.67 5.48 3.91
C SER A 207 28.74 6.33 4.60
N ASP A 208 28.85 6.21 5.91
CA ASP A 208 29.83 7.00 6.65
C ASP A 208 31.26 6.69 6.24
N VAL A 209 31.53 5.44 5.90
CA VAL A 209 32.83 5.02 5.37
C VAL A 209 33.07 5.63 3.99
N ILE A 210 32.01 5.69 3.19
CA ILE A 210 32.09 6.30 1.87
C ILE A 210 32.48 7.78 2.00
N HIS A 211 31.68 8.53 2.74
CA HIS A 211 31.98 9.93 3.01
C HIS A 211 33.37 10.14 3.62
N GLN A 212 33.70 9.34 4.63
CA GLN A 212 34.99 9.50 5.32
C GLN A 212 36.18 9.23 4.38
N ASN A 213 36.08 8.21 3.52
CA ASN A 213 37.25 7.87 2.71
C ASN A 213 37.38 8.64 1.39
N ILE A 214 36.26 8.96 0.75
CA ILE A 214 36.32 9.59 -0.57
C ILE A 214 37.10 10.90 -0.55
N VAL A 215 37.03 11.63 0.55
CA VAL A 215 37.70 12.92 0.64
C VAL A 215 39.22 12.76 0.76
N ARG A 216 39.68 11.53 1.02
CA ARG A 216 41.12 11.32 1.11
C ARG A 216 41.80 11.26 -0.27
N SER A 217 41.01 11.06 -1.33
CA SER A 217 41.53 10.91 -2.68
C SER A 217 42.09 12.21 -3.29
N ASP A 218 43.22 12.09 -3.96
CA ASP A 218 43.85 13.20 -4.68
C ASP A 218 42.99 13.71 -5.83
N LEU A 219 42.10 12.87 -6.32
CA LEU A 219 41.17 13.26 -7.36
C LEU A 219 39.92 13.95 -6.80
N TYR A 220 39.82 14.02 -5.48
CA TYR A 220 38.59 14.56 -4.88
C TYR A 220 38.28 16.00 -5.27
N PRO A 221 39.29 16.89 -5.25
CA PRO A 221 38.95 18.26 -5.70
C PRO A 221 38.35 18.34 -7.10
N ALA A 222 38.87 17.58 -8.06
CA ALA A 222 38.32 17.59 -9.42
C ALA A 222 36.95 16.93 -9.48
N ARG A 223 36.73 15.93 -8.64
CA ARG A 223 35.44 15.23 -8.57
C ARG A 223 34.34 16.22 -8.20
N LYS A 224 34.61 17.06 -7.22
CA LYS A 224 33.62 18.04 -6.77
C LYS A 224 33.23 19.00 -7.89
N LYS A 225 34.22 19.41 -8.69
CA LYS A 225 33.95 20.27 -9.83
C LYS A 225 33.20 19.52 -10.95
N HIS A 226 33.62 18.28 -11.20
CA HIS A 226 32.96 17.41 -12.19
C HIS A 226 31.51 17.16 -11.82
N ALA A 227 31.26 17.04 -10.51
CA ALA A 227 29.91 16.82 -10.02
C ALA A 227 29.03 18.00 -10.40
N ASP A 228 29.52 19.21 -10.14
CA ASP A 228 28.75 20.43 -10.41
C ASP A 228 28.50 20.55 -11.91
N GLU A 229 29.50 20.21 -12.73
CA GLU A 229 29.34 20.25 -14.18
C GLU A 229 28.26 19.30 -14.68
N HIS A 230 28.24 18.09 -14.14
CA HIS A 230 27.24 17.11 -14.54
C HIS A 230 25.84 17.57 -14.20
N ALA A 231 25.68 18.19 -13.02
CA ALA A 231 24.36 18.71 -12.64
C ALA A 231 23.88 19.80 -13.62
N HIS A 232 24.78 20.67 -14.07
CA HIS A 232 24.41 21.65 -15.09
C HIS A 232 24.01 20.95 -16.39
N MET A 233 24.72 19.87 -16.75
CA MET A 233 24.36 19.11 -17.93
C MET A 233 22.98 18.49 -17.78
N ILE A 234 22.64 18.07 -16.57
CA ILE A 234 21.31 17.51 -16.33
C ILE A 234 20.22 18.58 -16.43
N LYS A 235 20.47 19.76 -15.87
CA LYS A 235 19.50 20.86 -15.95
C LYS A 235 19.22 21.22 -17.41
N GLU A 236 20.25 21.13 -18.25
CA GLU A 236 20.12 21.37 -19.70
C GLU A 236 19.33 20.28 -20.42
N TYR A 237 19.65 19.02 -20.14
CA TYR A 237 18.88 17.92 -20.72
C TYR A 237 17.39 18.05 -20.39
N ALA A 238 17.10 18.57 -19.20
CA ALA A 238 15.72 18.70 -18.74
C ALA A 238 14.93 19.63 -19.65
N LYS A 239 15.59 20.63 -20.21
CA LYS A 239 14.93 21.57 -21.12
C LYS A 239 14.21 20.90 -22.29
N THR A 240 14.69 19.73 -22.71
CA THR A 240 14.04 19.01 -23.80
C THR A 240 13.58 17.60 -23.39
N ASN A 241 13.45 17.38 -22.09
CA ASN A 241 13.05 16.08 -21.55
C ASN A 241 13.91 14.95 -22.08
N ASP A 242 15.22 15.18 -22.17
CA ASP A 242 16.13 14.17 -22.68
C ASP A 242 16.45 13.18 -21.57
N ILE A 243 15.50 12.28 -21.30
CA ILE A 243 15.64 11.36 -20.19
C ILE A 243 16.81 10.39 -20.42
N LYS A 244 16.98 9.91 -21.65
CA LYS A 244 18.11 9.03 -21.94
C LYS A 244 19.45 9.70 -21.68
N GLY A 245 19.56 10.99 -21.99
CA GLY A 245 20.81 11.71 -21.76
C GLY A 245 21.11 11.79 -20.28
N ILE A 246 20.08 12.05 -19.49
CA ILE A 246 20.25 12.16 -18.05
C ILE A 246 20.75 10.83 -17.49
N PHE A 247 20.18 9.71 -17.93
CA PHE A 247 20.56 8.42 -17.35
C PHE A 247 21.90 7.95 -17.90
N ASP A 248 22.16 8.17 -19.19
CA ASP A 248 23.50 7.96 -19.76
C ASP A 248 24.57 8.65 -18.93
N LEU A 249 24.31 9.91 -18.55
CA LEU A 249 25.27 10.68 -17.75
C LEU A 249 25.40 10.11 -16.33
N ALA A 250 24.29 9.70 -15.74
CA ALA A 250 24.29 9.06 -14.43
C ALA A 250 25.20 7.84 -14.43
N GLN A 251 25.19 7.07 -15.51
CA GLN A 251 26.07 5.90 -15.62
C GLN A 251 27.54 6.33 -15.70
N GLU A 252 27.83 7.39 -16.44
CA GLU A 252 29.20 7.90 -16.51
C GLU A 252 29.66 8.46 -15.16
N ASP A 253 28.75 9.16 -14.47
CA ASP A 253 29.02 9.64 -13.12
C ASP A 253 29.29 8.48 -12.17
N THR A 254 28.46 7.44 -12.28
CA THR A 254 28.60 6.22 -11.47
C THR A 254 30.00 5.62 -11.65
N GLU A 255 30.47 5.54 -12.88
CA GLU A 255 31.77 4.92 -13.17
C GLU A 255 32.95 5.76 -12.63
N GLU A 256 32.89 7.07 -12.80
CA GLU A 256 33.89 7.97 -12.21
C GLU A 256 33.93 7.87 -10.67
N TYR A 257 32.74 7.93 -10.07
CA TYR A 257 32.60 7.88 -8.62
C TYR A 257 33.19 6.60 -8.04
N HIS A 258 32.88 5.45 -8.65
CA HIS A 258 33.35 4.21 -8.07
C HIS A 258 34.80 3.90 -8.43
N SER A 259 35.32 4.56 -9.45
CA SER A 259 36.78 4.50 -9.70
C SER A 259 37.53 5.28 -8.61
N ILE A 260 36.97 6.41 -8.18
CA ILE A 260 37.61 7.17 -7.11
C ILE A 260 37.58 6.41 -5.78
N LEU A 261 36.43 5.84 -5.43
CA LEU A 261 36.30 5.05 -4.21
C LEU A 261 37.26 3.86 -4.15
N ARG A 262 37.36 3.10 -5.25
CA ARG A 262 38.24 1.92 -5.29
C ARG A 262 39.69 2.31 -4.98
N GLY A 263 40.12 3.48 -5.46
CA GLY A 263 41.44 3.99 -5.16
C GLY A 263 41.64 4.41 -3.71
N VAL A 264 40.57 4.45 -2.92
CA VAL A 264 40.68 4.71 -1.49
C VAL A 264 40.22 3.47 -0.69
N GLY A 265 40.12 2.33 -1.39
CA GLY A 265 39.88 1.05 -0.75
C GLY A 265 38.43 0.77 -0.41
N VAL A 266 37.52 1.47 -1.10
CA VAL A 266 36.09 1.20 -0.95
C VAL A 266 35.52 0.59 -2.23
N ASN A 267 35.26 -0.72 -2.21
CA ASN A 267 34.82 -1.43 -3.41
C ASN A 267 33.36 -1.83 -3.36
N VAL A 268 32.50 -1.00 -3.95
CA VAL A 268 31.08 -1.24 -3.91
C VAL A 268 30.64 -2.23 -4.99
N ILE A 269 31.26 -2.17 -6.17
CA ILE A 269 30.84 -3.05 -7.26
C ILE A 269 31.62 -4.36 -7.17
N ARG A 270 30.96 -5.37 -6.61
CA ARG A 270 31.53 -6.67 -6.34
C ARG A 270 31.44 -7.57 -7.57
N GLU A 271 31.97 -8.79 -7.47
CA GLU A 271 32.17 -9.64 -8.65
C GLU A 271 30.90 -9.92 -9.46
N ASN A 272 29.84 -10.39 -8.80
CA ASN A 272 28.60 -10.70 -9.52
C ASN A 272 27.90 -9.43 -10.01
N MET A 273 28.17 -8.31 -9.34
CA MET A 273 27.65 -7.02 -9.79
C MET A 273 28.33 -6.61 -11.09
N GLN A 274 29.63 -6.82 -11.17
CA GLN A 274 30.39 -6.48 -12.36
C GLN A 274 30.00 -7.40 -13.53
N LYS A 275 29.69 -8.66 -13.23
CA LYS A 275 29.24 -9.57 -14.28
C LYS A 275 27.91 -9.11 -14.89
N LEU A 276 27.00 -8.65 -14.06
CA LEU A 276 25.71 -8.16 -14.56
C LEU A 276 25.93 -6.95 -15.45
N ILE A 277 26.76 -6.02 -14.99
CA ILE A 277 27.10 -4.82 -15.75
C ILE A 277 27.67 -5.15 -17.13
N SER A 278 28.51 -6.18 -17.19
CA SER A 278 29.07 -6.60 -18.47
C SER A 278 27.98 -7.10 -19.43
N TYR A 279 27.00 -7.83 -18.90
CA TYR A 279 25.88 -8.30 -19.71
C TYR A 279 25.06 -7.11 -20.19
N LEU A 280 24.89 -6.12 -19.31
CA LEU A 280 24.14 -4.90 -19.65
C LEU A 280 24.75 -4.22 -20.87
N LYS A 281 26.08 -4.20 -20.93
CA LYS A 281 26.81 -3.67 -22.08
C LYS A 281 26.47 -4.41 -23.37
N LEU A 282 26.18 -5.71 -23.25
CA LEU A 282 25.85 -6.54 -24.40
C LEU A 282 24.47 -6.22 -24.95
N ILE A 283 23.45 -6.23 -24.09
CA ILE A 283 22.09 -6.00 -24.56
C ILE A 283 21.83 -4.53 -24.89
N ARG A 284 22.75 -3.64 -24.50
CA ARG A 284 22.61 -2.22 -24.80
C ARG A 284 22.60 -2.01 -26.32
N LYS A 285 23.26 -2.90 -27.04
CA LYS A 285 23.31 -2.83 -28.49
C LYS A 285 21.96 -3.22 -29.10
N ASP A 286 21.16 -3.95 -28.32
CA ASP A 286 19.86 -4.43 -28.74
C ASP A 286 18.73 -3.44 -28.38
N TYR A 287 18.66 -3.04 -27.11
CA TYR A 287 17.77 -1.97 -26.71
C TYR A 287 18.42 -1.09 -25.65
N TRP A 288 17.97 0.14 -25.52
CA TRP A 288 18.63 1.09 -24.62
C TRP A 288 18.53 0.70 -23.15
N ASN A 289 19.64 0.82 -22.45
CA ASN A 289 19.62 0.86 -21.00
C ASN A 289 20.77 1.70 -20.51
N ALA A 290 20.73 2.04 -19.23
CA ALA A 290 21.83 2.69 -18.52
C ALA A 290 21.72 2.27 -17.07
N TYR A 291 22.85 2.09 -16.38
CA TYR A 291 22.80 1.65 -14.99
C TYR A 291 23.42 2.65 -14.02
N ILE A 292 23.03 2.55 -12.75
CA ILE A 292 23.55 3.35 -11.65
C ILE A 292 23.92 2.42 -10.47
N VAL A 293 25.03 2.70 -9.79
CA VAL A 293 25.35 2.06 -8.52
C VAL A 293 25.60 3.15 -7.49
N THR A 294 24.90 3.15 -6.36
CA THR A 294 25.13 4.18 -5.35
C THR A 294 26.07 3.63 -4.27
N GLY A 295 25.61 3.48 -3.04
CA GLY A 295 26.49 3.01 -1.97
C GLY A 295 26.26 1.56 -1.56
N GLY A 296 25.08 1.04 -1.86
CA GLY A 296 24.73 -0.32 -1.48
C GLY A 296 25.03 -1.32 -2.57
N SER A 297 24.73 -2.58 -2.29
CA SER A 297 25.02 -3.64 -3.24
C SER A 297 23.90 -3.82 -4.26
N ASN A 298 23.47 -2.71 -4.86
CA ASN A 298 22.42 -2.75 -5.84
C ASN A 298 22.88 -2.19 -7.19
N VAL A 299 22.34 -2.75 -8.26
CA VAL A 299 22.52 -2.20 -9.59
C VAL A 299 21.18 -1.77 -10.13
N TYR A 300 21.04 -0.47 -10.36
CA TYR A 300 19.79 0.14 -10.81
C TYR A 300 19.81 0.36 -12.32
N VAL A 301 18.91 -0.28 -13.04
CA VAL A 301 18.94 -0.20 -14.49
C VAL A 301 17.73 0.53 -15.06
N ALA A 302 18.00 1.72 -15.60
CA ALA A 302 16.99 2.48 -16.33
C ALA A 302 16.70 1.82 -17.67
N VAL A 303 15.43 1.81 -18.05
CA VAL A 303 15.02 1.17 -19.29
C VAL A 303 13.71 1.80 -19.78
N GLU A 304 13.49 1.79 -21.10
CA GLU A 304 12.21 2.22 -21.64
C GLU A 304 11.11 1.26 -21.22
N SER A 305 9.92 1.80 -20.96
CA SER A 305 8.84 1.02 -20.39
C SER A 305 8.52 -0.23 -21.23
N GLU A 306 8.60 -0.08 -22.55
CA GLU A 306 8.29 -1.16 -23.47
C GLU A 306 9.23 -2.36 -23.31
N ASN A 307 10.42 -2.12 -22.75
CA ASN A 307 11.40 -3.18 -22.55
C ASN A 307 11.61 -3.58 -21.08
N ALA A 308 10.81 -3.03 -20.18
CA ALA A 308 11.00 -3.25 -18.74
C ALA A 308 10.71 -4.68 -18.30
N ASP A 309 9.60 -5.27 -18.77
CA ASP A 309 9.29 -6.66 -18.40
C ASP A 309 10.32 -7.60 -18.96
N ARG A 310 10.79 -7.32 -20.17
CA ARG A 310 11.86 -8.10 -20.77
C ARG A 310 13.13 -8.12 -19.90
N LEU A 311 13.58 -6.93 -19.50
CA LEU A 311 14.76 -6.83 -18.63
C LEU A 311 14.53 -7.54 -17.29
N PHE A 312 13.37 -7.30 -16.70
CA PHE A 312 13.02 -7.88 -15.42
C PHE A 312 13.00 -9.41 -15.49
N SER A 313 12.74 -9.96 -16.67
CA SER A 313 12.56 -11.40 -16.77
C SER A 313 13.84 -12.16 -17.16
N ILE A 314 14.99 -11.47 -17.21
CA ILE A 314 16.24 -12.17 -17.57
C ILE A 314 16.55 -13.25 -16.54
N GLU A 315 17.26 -14.28 -16.99
CA GLU A 315 17.46 -15.49 -16.21
C GLU A 315 18.72 -15.45 -15.32
N ASN A 316 19.81 -14.89 -15.83
CA ASN A 316 21.04 -14.88 -15.07
C ASN A 316 21.25 -13.59 -14.30
N THR A 317 20.66 -13.51 -13.12
CA THR A 317 20.77 -12.32 -12.29
C THR A 317 21.99 -12.42 -11.37
N PHE A 318 22.79 -13.48 -11.57
CA PHE A 318 23.99 -13.73 -10.76
C PHE A 318 23.68 -13.71 -9.28
N GLY A 319 22.55 -14.28 -8.90
CA GLY A 319 22.15 -14.36 -7.51
C GLY A 319 21.72 -13.03 -6.95
N SER A 320 21.09 -12.20 -7.78
CA SER A 320 20.46 -10.98 -7.28
C SER A 320 18.95 -11.14 -7.33
N LYS A 321 18.26 -10.40 -6.47
CA LYS A 321 16.79 -10.37 -6.52
C LYS A 321 16.34 -9.10 -7.22
N LYS A 322 15.17 -9.15 -7.85
CA LYS A 322 14.75 -8.08 -8.74
C LYS A 322 13.52 -7.32 -8.25
N LYS A 323 13.55 -5.99 -8.44
CA LYS A 323 12.37 -5.17 -8.18
C LYS A 323 12.11 -4.22 -9.34
N MET A 324 10.84 -4.01 -9.64
CA MET A 324 10.46 -3.06 -10.67
C MET A 324 10.13 -1.72 -10.02
N LEU A 325 10.89 -0.68 -10.38
CA LEU A 325 10.77 0.63 -9.75
C LEU A 325 10.30 1.72 -10.71
N ARG A 326 9.79 2.81 -10.16
CA ARG A 326 9.43 3.97 -10.96
C ARG A 326 9.71 5.28 -10.22
N ILE A 327 9.86 6.36 -10.97
CA ILE A 327 10.11 7.68 -10.36
C ILE A 327 8.83 8.22 -9.73
N VAL A 328 8.89 8.69 -8.49
CA VAL A 328 7.69 9.22 -7.84
C VAL A 328 7.93 10.65 -7.27
N GLY A 329 6.91 11.18 -6.57
CA GLY A 329 6.92 12.56 -6.10
C GLY A 329 7.47 12.73 -4.67
N GLY A 330 7.21 13.90 -4.07
CA GLY A 330 7.80 14.25 -2.78
C GLY A 330 7.02 13.79 -1.56
N ALA A 331 7.52 14.11 -0.37
CA ALA A 331 6.90 13.68 0.89
C ALA A 331 5.53 14.32 1.08
N TRP A 332 4.64 13.67 1.83
CA TRP A 332 3.30 14.24 1.99
C TRP A 332 2.70 13.92 3.35
N HIS A 333 1.74 14.72 3.78
CA HIS A 333 1.21 14.53 5.12
C HIS A 333 -0.27 14.15 5.12
N ARG A 334 -0.71 13.57 6.24
CA ARG A 334 -2.12 13.31 6.47
C ARG A 334 -2.69 14.40 7.38
N ARG A 335 -4.01 14.56 7.37
CA ARG A 335 -4.66 15.48 8.31
C ARG A 335 -4.35 15.04 9.74
N PRO A 336 -4.00 16.00 10.61
CA PRO A 336 -3.71 15.75 12.04
C PRO A 336 -4.90 15.07 12.72
N GLU A 337 -4.63 14.22 13.71
CA GLU A 337 -5.68 13.54 14.45
C GLU A 337 -5.93 14.22 15.80
N GLY B 18 2.67 -3.50 34.35
CA GLY B 18 2.46 -2.37 33.47
C GLY B 18 3.49 -2.37 32.36
N SER B 19 3.15 -1.75 31.22
CA SER B 19 4.06 -1.68 30.07
C SER B 19 3.64 -0.60 29.07
N MET B 20 3.71 -0.92 27.78
CA MET B 20 3.58 0.10 26.75
C MET B 20 2.18 0.67 26.59
N THR B 21 2.09 1.99 26.68
CA THR B 21 0.85 2.70 26.43
C THR B 21 0.84 3.21 24.99
N TYR B 22 -0.11 2.72 24.21
CA TYR B 22 -0.29 3.21 22.84
C TYR B 22 -1.33 4.32 22.79
N ARG B 23 -1.45 4.94 21.63
CA ARG B 23 -2.43 6.00 21.41
C ARG B 23 -3.27 5.79 20.15
N SER B 24 -2.80 4.94 19.24
CA SER B 24 -3.54 4.72 17.98
C SER B 24 -3.15 3.44 17.28
N ILE B 25 -4.02 3.00 16.36
CA ILE B 25 -3.68 1.88 15.49
C ILE B 25 -4.35 2.06 14.13
N GLY B 26 -3.69 1.54 13.09
CA GLY B 26 -4.27 1.56 11.76
C GLY B 26 -4.50 0.14 11.24
N SER B 27 -5.56 -0.03 10.47
CA SER B 27 -5.86 -1.34 9.92
C SER B 27 -6.44 -1.23 8.52
N THR B 28 -6.47 -2.35 7.81
CA THR B 28 -6.95 -2.40 6.44
C THR B 28 -7.71 -3.70 6.20
N ALA B 29 -8.80 -3.65 5.44
CA ALA B 29 -9.47 -4.88 4.97
C ALA B 29 -9.96 -4.69 3.55
N TYR B 30 -10.28 -5.78 2.87
CA TYR B 30 -10.64 -5.72 1.46
C TYR B 30 -12.10 -6.12 1.24
N PRO B 31 -12.72 -5.57 0.18
CA PRO B 31 -14.13 -5.87 -0.05
C PRO B 31 -14.32 -7.31 -0.52
N THR B 32 -15.58 -7.77 -0.59
CA THR B 32 -15.84 -9.18 -0.81
C THR B 32 -16.93 -9.43 -1.84
N ILE B 33 -16.97 -10.67 -2.31
CA ILE B 33 -17.92 -11.15 -3.32
C ILE B 33 -18.49 -12.49 -2.82
N GLY B 34 -19.81 -12.64 -2.89
CA GLY B 34 -20.44 -13.90 -2.49
C GLY B 34 -20.16 -14.98 -3.53
N VAL B 35 -19.94 -16.20 -3.05
CA VAL B 35 -19.71 -17.37 -3.92
C VAL B 35 -20.84 -18.39 -3.72
N VAL B 36 -21.27 -18.57 -2.47
CA VAL B 36 -22.59 -19.15 -2.19
C VAL B 36 -23.35 -18.01 -1.54
N LEU B 37 -24.42 -17.56 -2.19
CA LEU B 37 -25.01 -16.26 -1.87
C LEU B 37 -25.98 -16.26 -0.69
N LEU B 38 -25.80 -15.30 0.22
CA LEU B 38 -26.59 -15.22 1.46
C LEU B 38 -27.89 -14.42 1.24
N GLY B 39 -29.01 -14.99 1.67
CA GLY B 39 -30.27 -14.26 1.74
C GLY B 39 -30.93 -14.54 3.07
N GLY B 40 -31.18 -13.48 3.85
CA GLY B 40 -31.83 -13.62 5.15
C GLY B 40 -30.91 -13.55 6.37
N ILE B 41 -31.33 -12.79 7.37
CA ILE B 41 -30.58 -12.68 8.63
C ILE B 41 -31.52 -12.87 9.83
N ALA B 42 -30.96 -13.28 10.97
CA ALA B 42 -31.76 -13.62 12.15
C ALA B 42 -32.60 -12.43 12.64
N ASN B 43 -31.95 -11.30 12.87
CA ASN B 43 -32.66 -10.08 13.21
C ASN B 43 -31.77 -8.92 12.81
N PRO B 44 -32.34 -7.70 12.73
CA PRO B 44 -31.54 -6.57 12.23
C PRO B 44 -30.46 -6.09 13.22
N VAL B 45 -30.49 -6.59 14.45
CA VAL B 45 -29.51 -6.20 15.47
C VAL B 45 -28.23 -7.03 15.35
N THR B 46 -28.35 -8.34 15.58
CA THR B 46 -27.23 -9.27 15.46
C THR B 46 -26.79 -9.47 13.99
N ARG B 47 -27.76 -9.45 13.08
CA ARG B 47 -27.56 -9.68 11.65
C ARG B 47 -26.86 -11.01 11.35
N THR B 48 -27.19 -12.04 12.11
CA THR B 48 -26.60 -13.36 11.90
C THR B 48 -27.19 -13.99 10.64
N PRO B 49 -26.32 -14.44 9.72
CA PRO B 49 -26.80 -15.11 8.50
C PRO B 49 -27.71 -16.30 8.82
N LEU B 50 -28.86 -16.38 8.14
CA LEU B 50 -29.81 -17.45 8.42
C LEU B 50 -29.37 -18.81 7.88
N HIS B 51 -28.41 -18.83 6.97
CA HIS B 51 -28.00 -20.11 6.38
C HIS B 51 -26.56 -20.03 5.91
N THR B 52 -25.97 -21.16 5.60
CA THR B 52 -24.58 -21.22 5.18
C THR B 52 -24.32 -20.44 3.88
N SER B 53 -23.22 -19.70 3.85
CA SER B 53 -22.79 -18.96 2.66
C SER B 53 -21.28 -19.05 2.48
N ALA B 54 -20.78 -18.53 1.35
CA ALA B 54 -19.35 -18.58 1.05
C ALA B 54 -18.97 -17.32 0.29
N GLY B 55 -17.69 -16.94 0.35
CA GLY B 55 -17.27 -15.68 -0.24
C GLY B 55 -15.79 -15.60 -0.49
N ILE B 56 -15.39 -14.61 -1.28
CA ILE B 56 -13.98 -14.34 -1.55
C ILE B 56 -13.69 -12.87 -1.31
N ALA B 57 -12.51 -12.57 -0.79
CA ALA B 57 -12.03 -11.18 -0.72
C ALA B 57 -11.29 -10.82 -2.00
N TYR B 58 -11.48 -9.59 -2.47
CA TYR B 58 -10.82 -9.12 -3.69
C TYR B 58 -10.22 -7.73 -3.52
N SER B 59 -9.26 -7.40 -4.39
CA SER B 59 -8.81 -6.03 -4.58
C SER B 59 -8.23 -5.93 -6.00
N ASP B 60 -7.40 -4.93 -6.28
CA ASP B 60 -6.69 -4.90 -7.56
C ASP B 60 -5.27 -5.43 -7.33
N SER B 61 -4.43 -5.39 -8.36
CA SER B 61 -3.08 -5.94 -8.22
C SER B 61 -2.22 -5.18 -7.20
N CYS B 62 -2.59 -3.95 -6.85
CA CYS B 62 -1.84 -3.15 -5.89
CA CYS B 62 -1.82 -3.17 -5.89
C CYS B 62 -2.43 -3.14 -4.49
N GLY B 63 -3.58 -3.79 -4.31
CA GLY B 63 -4.25 -3.75 -3.03
C GLY B 63 -4.78 -2.36 -2.72
N SER B 64 -4.99 -1.55 -3.74
CA SER B 64 -5.44 -0.18 -3.49
C SER B 64 -6.95 -0.12 -3.25
N ILE B 65 -7.69 -1.11 -3.76
CA ILE B 65 -9.13 -1.16 -3.48
C ILE B 65 -9.28 -1.72 -2.07
N ARG B 66 -9.75 -0.89 -1.14
CA ARG B 66 -9.60 -1.24 0.26
C ARG B 66 -10.39 -0.33 1.19
N SER B 67 -10.52 -0.77 2.44
CA SER B 67 -11.07 0.07 3.49
C SER B 67 -10.02 0.26 4.60
N GLU B 68 -9.69 1.51 4.91
CA GLU B 68 -8.71 1.79 5.97
C GLU B 68 -9.35 2.32 7.24
N THR B 69 -8.86 1.85 8.38
CA THR B 69 -9.39 2.29 9.67
C THR B 69 -8.29 2.88 10.56
N ARG B 70 -8.61 3.97 11.24
CA ARG B 70 -7.84 4.50 12.36
C ARG B 70 -8.72 4.48 13.60
N ILE B 71 -8.22 3.93 14.69
CA ILE B 71 -8.86 4.07 15.98
C ILE B 71 -7.82 4.66 16.91
N TYR B 72 -8.17 5.76 17.57
CA TYR B 72 -7.19 6.47 18.37
C TYR B 72 -7.81 7.08 19.62
N ALA B 73 -7.02 7.16 20.69
CA ALA B 73 -7.45 7.86 21.89
C ALA B 73 -7.81 9.32 21.57
N ASP B 74 -8.97 9.77 22.05
CA ASP B 74 -9.45 11.11 21.74
C ASP B 74 -10.15 11.73 22.94
N GLU B 75 -10.37 13.05 22.87
CA GLU B 75 -11.02 13.81 23.93
C GLU B 75 -12.44 13.31 24.16
N ALA B 76 -13.17 13.18 23.06
CA ALA B 76 -14.50 12.58 23.04
C ALA B 76 -14.57 11.72 21.77
N THR B 77 -15.49 10.77 21.72
CA THR B 77 -15.56 9.88 20.57
C THR B 77 -16.18 10.60 19.39
N HIS B 78 -15.46 10.58 18.27
CA HIS B 78 -15.96 11.12 17.01
C HIS B 78 -15.90 10.02 15.95
N ILE B 79 -16.86 10.04 15.02
CA ILE B 79 -16.94 9.07 13.93
C ILE B 79 -16.80 9.74 12.57
N TYR B 80 -15.79 9.34 11.78
CA TYR B 80 -15.52 9.95 10.48
C TYR B 80 -15.59 8.93 9.33
N PHE B 81 -16.20 9.32 8.20
CA PHE B 81 -16.17 8.54 6.97
C PHE B 81 -15.61 9.43 5.85
N ASN B 82 -14.56 8.93 5.21
CA ASN B 82 -13.81 9.69 4.20
C ASN B 82 -13.51 11.14 4.58
N GLY B 83 -13.05 11.32 5.82
CA GLY B 83 -12.58 12.63 6.26
C GLY B 83 -13.68 13.53 6.76
N THR B 84 -14.93 13.07 6.65
CA THR B 84 -16.09 13.87 7.06
C THR B 84 -16.75 13.29 8.29
N GLU B 85 -16.96 14.11 9.33
CA GLU B 85 -17.56 13.59 10.55
C GLU B 85 -19.03 13.29 10.33
N SER B 86 -19.44 12.12 10.83
CA SER B 86 -20.84 11.73 10.88
C SER B 86 -21.40 12.06 12.27
N THR B 87 -22.31 13.03 12.30
CA THR B 87 -22.96 13.41 13.56
C THR B 87 -24.20 12.55 13.81
N ASP B 88 -24.49 11.66 12.86
CA ASP B 88 -25.64 10.76 12.93
C ASP B 88 -25.48 9.71 14.04
N ASP B 89 -26.37 8.74 14.06
CA ASP B 89 -26.39 7.77 15.15
C ASP B 89 -25.24 6.77 15.07
N ASN B 90 -25.06 6.13 13.91
CA ASN B 90 -24.03 5.09 13.77
C ASN B 90 -24.08 4.09 14.91
N ARG B 91 -25.27 3.61 15.24
CA ARG B 91 -25.46 2.77 16.42
C ARG B 91 -24.58 1.53 16.40
N SER B 92 -24.42 0.92 15.23
CA SER B 92 -23.76 -0.37 15.17
C SER B 92 -22.25 -0.23 15.40
N VAL B 93 -21.65 0.80 14.82
CA VAL B 93 -20.23 1.03 15.04
C VAL B 93 -19.97 1.38 16.52
N ARG B 94 -20.80 2.26 17.07
CA ARG B 94 -20.66 2.65 18.48
C ARG B 94 -20.83 1.45 19.38
N ARG B 95 -21.68 0.51 18.98
CA ARG B 95 -21.91 -0.68 19.78
C ARG B 95 -20.67 -1.56 19.85
N VAL B 96 -20.01 -1.74 18.71
CA VAL B 96 -18.77 -2.49 18.70
C VAL B 96 -17.73 -1.78 19.56
N LEU B 97 -17.59 -0.47 19.35
CA LEU B 97 -16.65 0.35 20.13
C LEU B 97 -16.88 0.19 21.63
N ASP B 98 -18.16 0.23 22.04
CA ASP B 98 -18.53 0.10 23.45
C ASP B 98 -18.21 -1.30 23.96
N ARG B 99 -18.52 -2.29 23.14
CA ARG B 99 -18.36 -3.69 23.51
C ARG B 99 -16.91 -3.99 23.87
N TYR B 100 -15.98 -3.39 23.13
CA TYR B 100 -14.56 -3.64 23.35
C TYR B 100 -13.85 -2.52 24.13
N SER B 101 -14.59 -1.86 25.01
CA SER B 101 -14.02 -0.75 25.77
C SER B 101 -12.83 -1.17 26.64
N SER B 102 -12.85 -2.40 27.14
CA SER B 102 -11.76 -2.90 27.98
C SER B 102 -10.47 -2.97 27.17
N VAL B 103 -10.59 -3.33 25.90
CA VAL B 103 -9.44 -3.42 25.04
C VAL B 103 -8.75 -2.06 24.93
N PHE B 104 -9.55 -1.00 24.79
CA PHE B 104 -8.99 0.34 24.62
C PHE B 104 -8.42 0.82 25.96
N GLU B 105 -9.12 0.51 27.05
CA GLU B 105 -8.61 0.76 28.39
C GLU B 105 -7.23 0.13 28.60
N GLU B 106 -7.08 -1.11 28.16
CA GLU B 106 -5.83 -1.86 28.30
C GLU B 106 -4.68 -1.29 27.46
N ALA B 107 -4.92 -1.01 26.18
CA ALA B 107 -3.85 -0.57 25.29
C ALA B 107 -3.62 0.95 25.32
N PHE B 108 -4.68 1.73 25.51
CA PHE B 108 -4.58 3.18 25.44
C PHE B 108 -4.66 3.86 26.81
N GLY B 109 -5.24 3.17 27.79
CA GLY B 109 -5.45 3.74 29.11
C GLY B 109 -6.65 4.67 29.13
N THR B 110 -7.57 4.46 28.19
CA THR B 110 -8.81 5.22 28.13
C THR B 110 -9.85 4.44 27.33
N LYS B 111 -11.12 4.63 27.67
CA LYS B 111 -12.23 3.98 26.97
C LYS B 111 -12.71 4.84 25.81
N THR B 112 -12.38 6.14 25.87
CA THR B 112 -12.79 7.11 24.86
C THR B 112 -11.89 7.13 23.61
N VAL B 113 -12.40 6.58 22.50
CA VAL B 113 -11.65 6.60 21.26
C VAL B 113 -12.44 7.19 20.09
N SER B 114 -11.73 7.61 19.05
CA SER B 114 -12.41 8.02 17.82
C SER B 114 -12.15 6.99 16.75
N TYR B 115 -12.99 7.02 15.70
CA TYR B 115 -12.94 6.08 14.61
C TYR B 115 -13.01 6.84 13.28
N SER B 116 -12.05 6.56 12.41
CA SER B 116 -11.99 7.23 11.11
C SER B 116 -11.87 6.18 10.01
N SER B 117 -12.83 6.19 9.10
CA SER B 117 -12.87 5.22 8.01
C SER B 117 -12.57 5.92 6.69
N GLN B 118 -11.83 5.26 5.83
CA GLN B 118 -11.56 5.79 4.50
C GLN B 118 -11.58 4.66 3.45
N ASN B 119 -12.54 4.71 2.54
CA ASN B 119 -12.63 3.70 1.48
C ASN B 119 -11.94 4.15 0.20
N PHE B 120 -11.37 3.20 -0.53
CA PHE B 120 -10.73 3.47 -1.81
C PHE B 120 -11.28 2.47 -2.82
N GLY B 121 -12.06 2.98 -3.76
CA GLY B 121 -12.43 2.26 -4.97
C GLY B 121 -13.37 1.07 -4.86
N ILE B 122 -14.16 1.01 -3.80
CA ILE B 122 -14.93 -0.19 -3.53
C ILE B 122 -16.27 -0.28 -4.31
N LEU B 123 -16.53 -1.44 -4.91
CA LEU B 123 -17.83 -1.75 -5.52
C LEU B 123 -18.84 -2.19 -4.44
N SER B 124 -19.23 -3.46 -4.45
CA SER B 124 -19.95 -4.02 -3.31
C SER B 124 -18.92 -4.68 -2.37
N GLY B 125 -19.35 -5.06 -1.17
CA GLY B 125 -18.43 -5.58 -0.18
C GLY B 125 -17.86 -4.48 0.70
N SER B 126 -18.35 -3.26 0.50
CA SER B 126 -17.88 -2.08 1.23
C SER B 126 -18.08 -2.14 2.75
N SER B 127 -19.30 -2.46 3.18
CA SER B 127 -19.60 -2.55 4.60
C SER B 127 -18.81 -3.69 5.21
N ASP B 128 -18.69 -4.79 4.48
CA ASP B 128 -17.97 -5.96 4.97
C ASP B 128 -16.51 -5.61 5.26
N ALA B 129 -15.85 -4.95 4.32
CA ALA B 129 -14.45 -4.55 4.49
C ALA B 129 -14.32 -3.57 5.67
N GLY B 130 -15.23 -2.61 5.76
CA GLY B 130 -15.26 -1.67 6.87
C GLY B 130 -15.42 -2.38 8.21
N ALA B 131 -16.30 -3.38 8.24
CA ALA B 131 -16.54 -4.12 9.47
C ALA B 131 -15.29 -4.91 9.85
N ALA B 132 -14.71 -5.60 8.88
CA ALA B 132 -13.50 -6.39 9.14
C ALA B 132 -12.30 -5.52 9.52
N SER B 133 -12.21 -4.30 8.99
CA SER B 133 -11.02 -3.49 9.27
C SER B 133 -11.11 -3.04 10.71
N ILE B 134 -12.33 -2.81 11.18
CA ILE B 134 -12.53 -2.50 12.59
C ILE B 134 -12.06 -3.68 13.45
N GLY B 135 -12.42 -4.90 13.05
CA GLY B 135 -12.00 -6.08 13.79
C GLY B 135 -10.49 -6.22 13.87
N ALA B 136 -9.82 -5.96 12.76
CA ALA B 136 -8.37 -6.10 12.71
C ALA B 136 -7.69 -5.06 13.60
N ALA B 137 -8.33 -3.91 13.77
CA ALA B 137 -7.77 -2.88 14.62
C ALA B 137 -7.86 -3.34 16.07
N ILE B 138 -9.03 -3.86 16.45
CA ILE B 138 -9.26 -4.35 17.81
C ILE B 138 -8.33 -5.51 18.15
N LEU B 139 -8.25 -6.47 17.24
CA LEU B 139 -7.32 -7.59 17.34
C LEU B 139 -5.87 -7.14 17.51
N GLY B 140 -5.50 -6.10 16.77
CA GLY B 140 -4.16 -5.54 16.87
C GLY B 140 -3.85 -4.97 18.23
N LEU B 141 -4.87 -4.50 18.96
CA LEU B 141 -4.67 -3.94 20.30
C LEU B 141 -4.66 -5.02 21.38
N LYS B 142 -5.28 -6.17 21.10
CA LYS B 142 -5.32 -7.26 22.06
C LYS B 142 -5.18 -8.58 21.32
N PRO B 143 -3.95 -8.87 20.87
CA PRO B 143 -3.67 -9.97 19.93
C PRO B 143 -4.00 -11.37 20.43
N ASP B 144 -4.39 -11.53 21.70
CA ASP B 144 -4.78 -12.86 22.16
C ASP B 144 -6.30 -13.05 22.07
N LEU B 145 -6.99 -12.03 21.56
CA LEU B 145 -8.40 -12.20 21.22
C LEU B 145 -8.56 -13.21 20.11
N ASP B 146 -9.66 -13.96 20.14
CA ASP B 146 -10.00 -14.92 19.08
C ASP B 146 -10.75 -14.17 17.98
N PRO B 147 -10.16 -14.09 16.79
CA PRO B 147 -10.79 -13.39 15.65
C PRO B 147 -12.20 -13.91 15.37
N HIS B 148 -12.42 -15.20 15.61
CA HIS B 148 -13.74 -15.79 15.42
C HIS B 148 -14.77 -15.27 16.41
N ASP B 149 -14.33 -15.00 17.64
CA ASP B 149 -15.20 -14.39 18.65
C ASP B 149 -15.50 -12.94 18.28
N VAL B 150 -14.46 -12.19 17.92
CA VAL B 150 -14.65 -10.82 17.46
C VAL B 150 -15.62 -10.74 16.25
N GLU B 151 -15.47 -11.64 15.29
CA GLU B 151 -16.36 -11.68 14.11
C GLU B 151 -17.86 -11.62 14.48
N ASN B 152 -18.26 -12.33 15.53
CA ASN B 152 -19.66 -12.34 15.94
C ASN B 152 -20.21 -10.93 16.20
N ASP B 153 -19.38 -10.07 16.78
CA ASP B 153 -19.76 -8.69 17.11
C ASP B 153 -19.73 -7.79 15.88
N LEU B 154 -18.90 -8.16 14.90
CA LEU B 154 -18.77 -7.33 13.70
C LEU B 154 -19.98 -7.44 12.78
N ARG B 155 -20.74 -8.53 12.89
CA ARG B 155 -21.85 -8.75 11.94
C ARG B 155 -22.95 -7.69 12.09
N ALA B 156 -23.02 -7.05 13.26
CA ALA B 156 -23.97 -5.97 13.47
C ALA B 156 -23.64 -4.79 12.54
N VAL B 157 -22.37 -4.67 12.17
CA VAL B 157 -21.96 -3.61 11.25
C VAL B 157 -22.18 -4.07 9.78
N SER B 158 -21.88 -5.35 9.52
CA SER B 158 -22.07 -5.95 8.20
C SER B 158 -22.16 -7.47 8.36
N GLU B 159 -23.24 -8.08 7.86
CA GLU B 159 -23.49 -9.51 8.11
C GLU B 159 -22.40 -10.45 7.59
N SER B 160 -21.72 -10.06 6.51
CA SER B 160 -20.67 -10.90 5.95
C SER B 160 -19.24 -10.46 6.30
N ALA B 161 -19.08 -9.84 7.47
CA ALA B 161 -17.77 -9.37 7.92
C ALA B 161 -16.69 -10.47 7.90
N GLY B 162 -17.10 -11.70 8.24
CA GLY B 162 -16.20 -12.84 8.20
C GLY B 162 -15.46 -13.04 6.89
N ARG B 163 -16.13 -12.82 5.77
CA ARG B 163 -15.46 -12.97 4.46
C ARG B 163 -14.21 -12.10 4.38
N SER B 164 -14.35 -10.83 4.77
CA SER B 164 -13.26 -9.87 4.70
C SER B 164 -12.23 -10.03 5.85
N LEU B 165 -12.71 -10.40 7.03
CA LEU B 165 -11.82 -10.60 8.18
C LEU B 165 -10.76 -11.68 7.92
N PHE B 166 -11.17 -12.82 7.33
CA PHE B 166 -10.23 -13.93 7.10
C PHE B 166 -9.67 -13.98 5.69
N GLY B 167 -10.40 -13.44 4.72
CA GLY B 167 -9.90 -13.33 3.36
C GLY B 167 -9.82 -14.65 2.62
N GLY B 168 -9.25 -14.60 1.42
CA GLY B 168 -9.17 -15.74 0.54
C GLY B 168 -10.57 -16.22 0.21
N LEU B 169 -10.72 -17.54 0.07
CA LEU B 169 -12.02 -18.18 -0.06
C LEU B 169 -12.45 -18.68 1.30
N THR B 170 -13.64 -18.30 1.72
CA THR B 170 -14.16 -18.74 3.02
C THR B 170 -15.54 -19.34 2.89
N ILE B 171 -15.93 -20.09 3.91
CA ILE B 171 -17.32 -20.53 4.10
C ILE B 171 -17.78 -20.08 5.49
N THR B 172 -18.98 -19.51 5.56
CA THR B 172 -19.52 -19.15 6.86
C THR B 172 -20.71 -20.08 7.12
N TRP B 173 -20.47 -21.07 7.96
CA TRP B 173 -21.49 -22.06 8.31
C TRP B 173 -22.48 -21.44 9.27
N SER B 174 -23.76 -21.73 9.10
CA SER B 174 -24.77 -21.20 10.02
C SER B 174 -25.92 -22.15 10.25
N ASP B 175 -26.43 -22.16 11.48
CA ASP B 175 -27.59 -22.98 11.84
C ASP B 175 -28.84 -22.13 12.13
N GLY B 176 -28.78 -20.85 11.76
CA GLY B 176 -29.82 -19.90 12.14
C GLY B 176 -29.40 -18.97 13.28
N PHE B 177 -28.66 -19.49 14.25
CA PHE B 177 -28.30 -18.70 15.42
C PHE B 177 -26.78 -18.59 15.64
N HIS B 178 -26.05 -19.69 15.44
CA HIS B 178 -24.59 -19.65 15.46
C HIS B 178 -24.08 -19.54 14.04
N ALA B 179 -23.08 -18.70 13.81
CA ALA B 179 -22.39 -18.66 12.53
C ALA B 179 -20.91 -18.72 12.78
N TYR B 180 -20.18 -19.42 11.91
CA TYR B 180 -18.74 -19.53 12.05
C TYR B 180 -18.07 -19.55 10.68
N THR B 181 -16.99 -18.80 10.54
CA THR B 181 -16.32 -18.69 9.25
C THR B 181 -15.06 -19.56 9.17
N GLU B 182 -15.00 -20.40 8.16
CA GLU B 182 -13.87 -21.32 7.95
C GLU B 182 -13.03 -20.89 6.74
N LYS B 183 -11.71 -20.82 6.90
CA LYS B 183 -10.80 -20.53 5.78
C LYS B 183 -10.68 -21.76 4.89
N ILE B 184 -10.93 -21.62 3.58
CA ILE B 184 -11.01 -22.78 2.71
C ILE B 184 -9.83 -22.83 1.74
N LEU B 185 -9.54 -21.70 1.08
CA LEU B 185 -8.36 -21.55 0.23
C LEU B 185 -7.68 -20.21 0.46
N ASP B 186 -6.35 -20.21 0.53
CA ASP B 186 -5.56 -18.99 0.53
C ASP B 186 -5.66 -18.27 -0.81
N PRO B 187 -5.37 -16.96 -0.83
CA PRO B 187 -5.34 -16.19 -2.09
C PRO B 187 -4.32 -16.71 -3.11
N GLU B 188 -3.30 -17.41 -2.62
CA GLU B 188 -2.26 -17.94 -3.51
C GLU B 188 -2.83 -19.03 -4.44
N ALA B 189 -3.84 -19.74 -3.97
CA ALA B 189 -4.48 -20.78 -4.78
C ALA B 189 -5.17 -20.21 -6.03
N PHE B 190 -5.39 -18.90 -6.04
CA PHE B 190 -6.06 -18.25 -7.16
C PHE B 190 -5.08 -17.45 -8.02
N SER B 191 -3.78 -17.65 -7.80
CA SER B 191 -2.72 -16.96 -8.57
C SER B 191 -2.93 -16.96 -10.07
N GLY B 192 -3.39 -18.08 -10.63
CA GLY B 192 -3.60 -18.17 -12.06
C GLY B 192 -4.96 -17.69 -12.55
N TYR B 193 -5.64 -16.90 -11.73
CA TYR B 193 -6.99 -16.44 -12.04
C TYR B 193 -7.21 -14.95 -11.75
N SER B 194 -8.06 -14.31 -12.56
CA SER B 194 -8.44 -12.92 -12.33
C SER B 194 -9.96 -12.78 -12.36
N ILE B 195 -10.45 -11.64 -11.87
CA ILE B 195 -11.86 -11.30 -12.05
C ILE B 195 -12.00 -9.94 -12.76
N VAL B 196 -12.83 -9.90 -13.78
CA VAL B 196 -13.17 -8.64 -14.40
C VAL B 196 -14.57 -8.25 -13.95
N ALA B 197 -14.65 -7.11 -13.26
CA ALA B 197 -15.92 -6.60 -12.77
C ALA B 197 -16.51 -5.65 -13.79
N PHE B 198 -17.78 -5.86 -14.13
CA PHE B 198 -18.52 -4.95 -14.99
C PHE B 198 -19.57 -4.23 -14.13
N ALA B 199 -19.37 -2.93 -13.93
CA ALA B 199 -20.26 -2.15 -13.08
C ALA B 199 -21.28 -1.39 -13.92
N PHE B 200 -22.55 -1.61 -13.60
CA PHE B 200 -23.66 -0.95 -14.29
C PHE B 200 -24.26 0.14 -13.42
N ASP B 201 -24.97 1.08 -14.03
CA ASP B 201 -25.50 2.25 -13.31
C ASP B 201 -26.82 2.02 -12.57
N TYR B 202 -27.52 0.92 -12.89
CA TYR B 202 -28.82 0.63 -12.28
C TYR B 202 -28.84 0.85 -10.78
N GLN B 203 -29.89 1.49 -10.29
CA GLN B 203 -30.07 1.69 -8.86
C GLN B 203 -30.23 0.33 -8.16
N ARG B 204 -29.40 0.05 -7.17
CA ARG B 204 -29.40 -1.28 -6.55
C ARG B 204 -30.39 -1.40 -5.39
N ASN B 205 -30.87 -2.63 -5.12
CA ASN B 205 -31.63 -2.92 -3.92
C ASN B 205 -30.73 -3.03 -2.71
N PRO B 206 -31.05 -2.31 -1.62
CA PRO B 206 -30.28 -2.47 -0.37
C PRO B 206 -30.38 -3.89 0.15
N SER B 207 -29.39 -4.31 0.93
CA SER B 207 -29.33 -5.69 1.39
C SER B 207 -30.51 -6.06 2.30
N ASP B 208 -30.99 -5.12 3.08
CA ASP B 208 -32.12 -5.42 3.96
C ASP B 208 -33.35 -5.79 3.14
N VAL B 209 -33.48 -5.21 1.94
CA VAL B 209 -34.62 -5.51 1.09
C VAL B 209 -34.53 -6.96 0.57
N ILE B 210 -33.32 -7.39 0.24
CA ILE B 210 -33.09 -8.80 -0.11
C ILE B 210 -33.41 -9.72 1.07
N HIS B 211 -32.81 -9.44 2.23
CA HIS B 211 -33.04 -10.23 3.44
C HIS B 211 -34.52 -10.32 3.88
N GLN B 212 -35.24 -9.19 3.84
CA GLN B 212 -36.64 -9.16 4.25
C GLN B 212 -37.55 -9.95 3.31
N ASN B 213 -37.24 -9.93 2.02
CA ASN B 213 -38.17 -10.53 1.07
C ASN B 213 -37.91 -11.99 0.78
N ILE B 214 -36.65 -12.41 0.80
CA ILE B 214 -36.35 -13.78 0.37
C ILE B 214 -36.90 -14.81 1.35
N VAL B 215 -36.97 -14.46 2.64
CA VAL B 215 -37.36 -15.43 3.66
C VAL B 215 -38.85 -15.74 3.59
N ARG B 216 -39.58 -15.02 2.75
CA ARG B 216 -41.02 -15.27 2.62
C ARG B 216 -41.31 -16.18 1.42
N SER B 217 -40.27 -16.56 0.68
CA SER B 217 -40.45 -17.48 -0.44
C SER B 217 -40.79 -18.89 0.01
N ASP B 218 -41.67 -19.53 -0.75
CA ASP B 218 -41.98 -20.94 -0.61
C ASP B 218 -40.76 -21.81 -0.80
N LEU B 219 -39.81 -21.34 -1.61
CA LEU B 219 -38.61 -22.11 -1.92
C LEU B 219 -37.52 -21.89 -0.88
N TYR B 220 -37.77 -21.02 0.09
CA TYR B 220 -36.70 -20.63 1.00
C TYR B 220 -36.17 -21.81 1.81
N PRO B 221 -37.07 -22.65 2.40
CA PRO B 221 -36.52 -23.79 3.14
C PRO B 221 -35.59 -24.66 2.29
N ALA B 222 -35.94 -24.88 1.04
CA ALA B 222 -35.08 -25.66 0.14
C ALA B 222 -33.78 -24.92 -0.13
N ARG B 223 -33.86 -23.61 -0.31
CA ARG B 223 -32.69 -22.78 -0.57
C ARG B 223 -31.66 -22.86 0.55
N LYS B 224 -32.10 -22.78 1.80
CA LYS B 224 -31.16 -22.87 2.92
C LYS B 224 -30.39 -24.19 2.85
N LYS B 225 -31.11 -25.25 2.48
CA LYS B 225 -30.52 -26.58 2.28
C LYS B 225 -29.55 -26.63 1.10
N HIS B 226 -29.96 -26.11 -0.05
CA HIS B 226 -29.11 -26.11 -1.23
C HIS B 226 -27.82 -25.31 -1.06
N ALA B 227 -27.89 -24.16 -0.37
CA ALA B 227 -26.70 -23.35 -0.14
C ALA B 227 -25.68 -24.14 0.67
N ASP B 228 -26.15 -24.81 1.71
CA ASP B 228 -25.27 -25.64 2.52
C ASP B 228 -24.70 -26.79 1.70
N GLU B 229 -25.52 -27.40 0.84
CA GLU B 229 -25.03 -28.44 -0.08
C GLU B 229 -23.91 -27.88 -0.97
N HIS B 230 -24.13 -26.70 -1.54
CA HIS B 230 -23.13 -26.08 -2.41
C HIS B 230 -21.83 -25.74 -1.66
N ALA B 231 -21.96 -25.22 -0.45
CA ALA B 231 -20.76 -24.94 0.35
C ALA B 231 -19.95 -26.23 0.58
N HIS B 232 -20.65 -27.34 0.83
CA HIS B 232 -19.95 -28.62 1.00
C HIS B 232 -19.21 -29.02 -0.29
N MET B 233 -19.83 -28.78 -1.44
CA MET B 233 -19.19 -29.09 -2.71
C MET B 233 -17.94 -28.23 -2.91
N ILE B 234 -18.03 -26.95 -2.58
CA ILE B 234 -16.89 -26.05 -2.74
C ILE B 234 -15.72 -26.52 -1.91
N LYS B 235 -16.03 -26.98 -0.71
CA LYS B 235 -15.00 -27.49 0.17
C LYS B 235 -14.39 -28.77 -0.41
N GLU B 236 -15.19 -29.59 -1.11
CA GLU B 236 -14.65 -30.77 -1.79
C GLU B 236 -13.69 -30.37 -2.92
N TYR B 237 -14.17 -29.49 -3.81
CA TYR B 237 -13.32 -28.93 -4.85
C TYR B 237 -12.00 -28.37 -4.30
N ALA B 238 -12.07 -27.70 -3.16
CA ALA B 238 -10.89 -27.02 -2.63
C ALA B 238 -9.75 -28.00 -2.30
N LYS B 239 -10.11 -29.25 -2.02
CA LYS B 239 -9.12 -30.28 -1.69
C LYS B 239 -8.13 -30.57 -2.81
N THR B 240 -8.52 -30.34 -4.06
CA THR B 240 -7.60 -30.51 -5.18
C THR B 240 -7.39 -29.20 -5.93
N ASN B 241 -7.66 -28.08 -5.26
CA ASN B 241 -7.55 -26.75 -5.88
C ASN B 241 -8.25 -26.67 -7.22
N ASP B 242 -9.48 -27.17 -7.27
CA ASP B 242 -10.25 -27.12 -8.50
C ASP B 242 -10.97 -25.77 -8.55
N ILE B 243 -10.25 -24.72 -8.92
CA ILE B 243 -10.76 -23.35 -8.95
C ILE B 243 -11.94 -23.17 -9.93
N LYS B 244 -11.81 -23.78 -11.11
CA LYS B 244 -12.87 -23.70 -12.11
C LYS B 244 -14.14 -24.39 -11.63
N GLY B 245 -13.99 -25.53 -10.94
CA GLY B 245 -15.12 -26.19 -10.33
C GLY B 245 -15.83 -25.28 -9.32
N ILE B 246 -15.03 -24.55 -8.56
CA ILE B 246 -15.58 -23.62 -7.58
C ILE B 246 -16.34 -22.47 -8.24
N PHE B 247 -15.76 -21.88 -9.27
CA PHE B 247 -16.39 -20.74 -9.92
C PHE B 247 -17.61 -21.16 -10.75
N ASP B 248 -17.56 -22.35 -11.36
CA ASP B 248 -18.71 -22.92 -12.04
C ASP B 248 -19.89 -23.04 -11.09
N LEU B 249 -19.63 -23.57 -9.90
CA LEU B 249 -20.68 -23.71 -8.89
C LEU B 249 -21.21 -22.34 -8.42
N ALA B 250 -20.30 -21.38 -8.35
CA ALA B 250 -20.66 -20.03 -7.94
C ALA B 250 -21.64 -19.43 -8.93
N GLN B 251 -21.42 -19.70 -10.21
CA GLN B 251 -22.36 -19.27 -11.24
C GLN B 251 -23.70 -19.99 -11.13
N GLU B 252 -23.67 -21.30 -10.89
CA GLU B 252 -24.90 -22.06 -10.70
C GLU B 252 -25.66 -21.53 -9.49
N ASP B 253 -24.95 -21.28 -8.39
CA ASP B 253 -25.59 -20.73 -7.19
C ASP B 253 -26.16 -19.35 -7.47
N THR B 254 -25.41 -18.55 -8.23
CA THR B 254 -25.87 -17.22 -8.64
C THR B 254 -27.22 -17.31 -9.35
N GLU B 255 -27.32 -18.26 -10.28
CA GLU B 255 -28.55 -18.37 -11.07
C GLU B 255 -29.73 -18.82 -10.20
N GLU B 256 -29.49 -19.75 -9.30
CA GLU B 256 -30.53 -20.21 -8.38
C GLU B 256 -30.98 -19.11 -7.40
N TYR B 257 -30.01 -18.37 -6.87
CA TYR B 257 -30.27 -17.27 -5.95
C TYR B 257 -31.19 -16.19 -6.52
N HIS B 258 -30.89 -15.76 -7.73
CA HIS B 258 -31.63 -14.66 -8.31
C HIS B 258 -32.97 -15.12 -8.87
N SER B 259 -33.09 -16.41 -9.17
CA SER B 259 -34.41 -16.95 -9.48
C SER B 259 -35.30 -16.89 -8.24
N ILE B 260 -34.77 -17.25 -7.08
CA ILE B 260 -35.61 -17.22 -5.89
C ILE B 260 -35.92 -15.75 -5.53
N LEU B 261 -34.93 -14.87 -5.65
CA LEU B 261 -35.16 -13.44 -5.43
C LEU B 261 -36.23 -12.85 -6.36
N ARG B 262 -36.13 -13.12 -7.67
CA ARG B 262 -37.13 -12.58 -8.60
C ARG B 262 -38.53 -13.04 -8.21
N GLY B 263 -38.62 -14.26 -7.69
CA GLY B 263 -39.90 -14.84 -7.34
C GLY B 263 -40.60 -14.17 -6.15
N VAL B 264 -39.88 -13.32 -5.44
CA VAL B 264 -40.48 -12.54 -4.36
C VAL B 264 -40.35 -11.05 -4.66
N GLY B 265 -40.09 -10.73 -5.92
CA GLY B 265 -40.10 -9.36 -6.40
C GLY B 265 -38.80 -8.57 -6.26
N VAL B 266 -37.68 -9.26 -6.04
CA VAL B 266 -36.40 -8.55 -6.00
C VAL B 266 -35.58 -8.93 -7.23
N ASN B 267 -35.49 -8.01 -8.20
CA ASN B 267 -34.83 -8.30 -9.48
C ASN B 267 -33.50 -7.55 -9.60
N VAL B 268 -32.43 -8.21 -9.19
CA VAL B 268 -31.10 -7.61 -9.22
C VAL B 268 -30.53 -7.54 -10.64
N ILE B 269 -30.76 -8.59 -11.43
CA ILE B 269 -30.16 -8.64 -12.76
C ILE B 269 -31.02 -7.93 -13.79
N ARG B 270 -30.68 -6.66 -14.02
CA ARG B 270 -31.41 -5.78 -14.91
C ARG B 270 -31.05 -6.03 -16.37
N GLU B 271 -31.71 -5.31 -17.28
CA GLU B 271 -31.69 -5.66 -18.71
C GLU B 271 -30.29 -5.78 -19.32
N ASN B 272 -29.45 -4.78 -19.08
CA ASN B 272 -28.13 -4.75 -19.70
C ASN B 272 -27.15 -5.71 -19.04
N MET B 273 -27.46 -6.09 -17.79
CA MET B 273 -26.71 -7.15 -17.13
C MET B 273 -27.05 -8.50 -17.77
N GLN B 274 -28.34 -8.73 -18.03
CA GLN B 274 -28.78 -9.91 -18.75
C GLN B 274 -28.06 -10.00 -20.11
N LYS B 275 -27.93 -8.87 -20.80
CA LYS B 275 -27.31 -8.87 -22.11
C LYS B 275 -25.83 -9.26 -22.02
N LEU B 276 -25.10 -8.66 -21.09
CA LEU B 276 -23.72 -9.05 -20.86
C LEU B 276 -23.60 -10.54 -20.53
N ILE B 277 -24.47 -11.02 -19.66
CA ILE B 277 -24.45 -12.43 -19.26
C ILE B 277 -24.69 -13.35 -20.47
N SER B 278 -25.61 -12.97 -21.34
CA SER B 278 -25.87 -13.75 -22.54
C SER B 278 -24.63 -13.78 -23.44
N TYR B 279 -23.97 -12.64 -23.58
CA TYR B 279 -22.73 -12.56 -24.33
C TYR B 279 -21.61 -13.41 -23.70
N LEU B 280 -21.50 -13.36 -22.38
CA LEU B 280 -20.52 -14.14 -21.66
C LEU B 280 -20.67 -15.66 -21.90
N LYS B 281 -21.91 -16.12 -22.04
CA LYS B 281 -22.13 -17.54 -22.29
C LYS B 281 -21.75 -17.91 -23.73
N LEU B 282 -21.85 -16.95 -24.64
CA LEU B 282 -21.37 -17.15 -26.02
C LEU B 282 -19.86 -17.32 -26.07
N ILE B 283 -19.13 -16.38 -25.47
CA ILE B 283 -17.67 -16.42 -25.60
C ILE B 283 -17.05 -17.52 -24.74
N ARG B 284 -17.84 -18.10 -23.83
CA ARG B 284 -17.34 -19.23 -23.07
C ARG B 284 -17.00 -20.40 -24.01
N LYS B 285 -17.69 -20.46 -25.15
CA LYS B 285 -17.34 -21.42 -26.21
C LYS B 285 -15.88 -21.25 -26.66
N ASP B 286 -15.34 -20.04 -26.51
CA ASP B 286 -13.98 -19.74 -26.94
C ASP B 286 -12.94 -20.01 -25.84
N TYR B 287 -13.26 -19.58 -24.62
CA TYR B 287 -12.37 -19.82 -23.49
C TYR B 287 -13.18 -19.74 -22.18
N TRP B 288 -12.68 -20.39 -21.14
CA TRP B 288 -13.45 -20.58 -19.92
C TRP B 288 -13.71 -19.25 -19.22
N ASN B 289 -14.94 -19.09 -18.73
CA ASN B 289 -15.24 -18.04 -17.78
C ASN B 289 -16.40 -18.51 -16.90
N ALA B 290 -16.60 -17.82 -15.78
CA ALA B 290 -17.78 -18.03 -14.96
C ALA B 290 -18.15 -16.69 -14.33
N TYR B 291 -19.44 -16.44 -14.11
CA TYR B 291 -19.82 -15.12 -13.60
C TYR B 291 -20.60 -15.23 -12.29
N ILE B 292 -20.48 -14.19 -11.47
CA ILE B 292 -21.21 -14.08 -10.20
C ILE B 292 -21.97 -12.74 -10.17
N VAL B 293 -23.19 -12.73 -9.64
CA VAL B 293 -23.93 -11.50 -9.35
C VAL B 293 -24.36 -11.56 -7.89
N THR B 294 -24.02 -10.54 -7.10
CA THR B 294 -24.38 -10.55 -5.69
C THR B 294 -25.65 -9.73 -5.53
N GLY B 295 -25.66 -8.73 -4.66
CA GLY B 295 -26.83 -7.90 -4.49
C GLY B 295 -26.81 -6.58 -5.25
N GLY B 296 -25.63 -6.14 -5.68
CA GLY B 296 -25.50 -4.88 -6.37
C GLY B 296 -25.61 -5.01 -7.88
N SER B 297 -25.45 -3.89 -8.59
CA SER B 297 -25.62 -3.89 -10.05
C SER B 297 -24.29 -4.14 -10.75
N ASN B 298 -23.66 -5.26 -10.40
CA ASN B 298 -22.34 -5.62 -10.89
C ASN B 298 -22.30 -7.06 -11.40
N VAL B 299 -21.55 -7.29 -12.48
CA VAL B 299 -21.33 -8.65 -12.95
C VAL B 299 -19.84 -8.96 -12.82
N TYR B 300 -19.52 -9.91 -11.95
CA TYR B 300 -18.13 -10.32 -11.69
C TYR B 300 -17.80 -11.55 -12.50
N VAL B 301 -16.75 -11.46 -13.33
CA VAL B 301 -16.43 -12.56 -14.23
C VAL B 301 -15.06 -13.18 -13.93
N ALA B 302 -15.06 -14.41 -13.43
CA ALA B 302 -13.82 -15.14 -13.23
C ALA B 302 -13.26 -15.65 -14.56
N VAL B 303 -11.93 -15.64 -14.67
CA VAL B 303 -11.24 -16.01 -15.89
C VAL B 303 -9.79 -16.42 -15.57
N GLU B 304 -9.25 -17.37 -16.33
CA GLU B 304 -7.82 -17.71 -16.21
C GLU B 304 -7.01 -16.47 -16.57
N SER B 305 -5.96 -16.21 -15.79
CA SER B 305 -5.15 -14.99 -15.96
C SER B 305 -4.63 -14.83 -17.38
N GLU B 306 -4.39 -15.96 -18.03
CA GLU B 306 -3.93 -16.01 -19.40
C GLU B 306 -4.89 -15.30 -20.35
N ASN B 307 -6.18 -15.32 -20.02
CA ASN B 307 -7.20 -14.69 -20.87
C ASN B 307 -7.81 -13.41 -20.31
N ALA B 308 -7.22 -12.87 -19.25
CA ALA B 308 -7.76 -11.69 -18.58
C ALA B 308 -7.78 -10.46 -19.48
N ASP B 309 -6.67 -10.16 -20.12
CA ASP B 309 -6.63 -8.98 -20.99
C ASP B 309 -7.62 -9.10 -22.13
N ARG B 310 -7.72 -10.31 -22.66
CA ARG B 310 -8.68 -10.64 -23.70
C ARG B 310 -10.13 -10.30 -23.29
N LEU B 311 -10.52 -10.73 -22.09
CA LEU B 311 -11.84 -10.44 -21.56
C LEU B 311 -12.02 -8.93 -21.32
N PHE B 312 -11.00 -8.33 -20.73
CA PHE B 312 -11.03 -6.92 -20.34
C PHE B 312 -11.18 -6.03 -21.58
N SER B 313 -10.84 -6.56 -22.75
CA SER B 313 -10.85 -5.75 -23.97
C SER B 313 -12.12 -5.87 -24.80
N ILE B 314 -13.13 -6.62 -24.35
CA ILE B 314 -14.36 -6.70 -25.13
C ILE B 314 -14.95 -5.28 -25.29
N GLU B 315 -15.41 -4.98 -26.49
CA GLU B 315 -15.76 -3.61 -26.88
C GLU B 315 -17.13 -3.18 -26.38
N ASN B 316 -18.15 -4.01 -26.61
CA ASN B 316 -19.50 -3.69 -26.14
C ASN B 316 -19.75 -4.27 -24.76
N THR B 317 -19.70 -3.41 -23.75
CA THR B 317 -19.92 -3.82 -22.38
C THR B 317 -21.36 -3.57 -21.93
N PHE B 318 -22.22 -3.20 -22.89
CA PHE B 318 -23.61 -2.85 -22.64
C PHE B 318 -23.80 -1.77 -21.57
N GLY B 319 -22.89 -0.81 -21.54
CA GLY B 319 -23.05 0.36 -20.69
C GLY B 319 -22.28 0.31 -19.40
N SER B 320 -21.51 -0.76 -19.19
CA SER B 320 -20.81 -0.94 -17.93
C SER B 320 -19.33 -0.54 -17.97
N LYS B 321 -18.81 -0.20 -16.80
CA LYS B 321 -17.40 0.11 -16.60
C LYS B 321 -16.64 -1.11 -16.07
N LYS B 322 -15.42 -1.32 -16.58
CA LYS B 322 -14.63 -2.52 -16.32
C LYS B 322 -13.53 -2.26 -15.30
N LYS B 323 -13.27 -3.25 -14.45
CA LYS B 323 -12.18 -3.22 -13.49
C LYS B 323 -11.50 -4.59 -13.36
N MET B 324 -10.17 -4.59 -13.39
CA MET B 324 -9.38 -5.81 -13.19
C MET B 324 -9.14 -6.08 -11.72
N LEU B 325 -9.55 -7.26 -11.27
CA LEU B 325 -9.47 -7.62 -9.85
C LEU B 325 -8.75 -8.93 -9.64
N ARG B 326 -8.30 -9.14 -8.40
CA ARG B 326 -7.60 -10.35 -7.96
C ARG B 326 -8.14 -10.78 -6.60
N ILE B 327 -8.04 -12.08 -6.29
CA ILE B 327 -8.42 -12.58 -4.97
C ILE B 327 -7.31 -12.21 -3.99
N VAL B 328 -7.67 -11.68 -2.82
CA VAL B 328 -6.67 -11.25 -1.84
C VAL B 328 -6.91 -11.85 -0.46
N GLY B 329 -6.08 -11.47 0.50
CA GLY B 329 -6.11 -12.04 1.84
C GLY B 329 -6.99 -11.29 2.81
N GLY B 330 -6.77 -11.52 4.10
CA GLY B 330 -7.68 -11.04 5.13
C GLY B 330 -7.28 -9.69 5.67
N ALA B 331 -8.03 -9.23 6.68
CA ALA B 331 -7.81 -7.94 7.30
C ALA B 331 -6.52 -7.96 8.09
N TRP B 332 -5.82 -6.83 8.10
CA TRP B 332 -4.54 -6.77 8.80
C TRP B 332 -4.40 -5.39 9.46
N HIS B 333 -3.45 -5.29 10.37
CA HIS B 333 -3.23 -4.03 11.08
C HIS B 333 -1.75 -3.64 11.06
N ARG B 334 -1.46 -2.34 11.07
CA ARG B 334 -0.10 -1.89 11.30
C ARG B 334 0.19 -2.05 12.79
N ARG B 335 1.46 -2.00 13.15
CA ARG B 335 1.84 -1.99 14.56
C ARG B 335 1.18 -0.76 15.19
N PRO B 336 0.60 -0.89 16.38
CA PRO B 336 0.03 0.28 17.04
C PRO B 336 1.15 1.23 17.48
N GLU B 337 0.81 2.48 17.77
CA GLU B 337 1.81 3.50 18.08
C GLU B 337 1.26 4.39 19.19
#